data_3TJE
#
_entry.id   3TJE
#
_cell.length_a   89.490
_cell.length_b   166.400
_cell.length_c   110.720
_cell.angle_alpha   90.000
_cell.angle_beta   90.000
_cell.angle_gamma   90.000
#
_symmetry.space_group_name_H-M   'C 2 2 21'
#
loop_
_entity.id
_entity.type
_entity.pdbx_description
1 polymer 'Fab E09, light chain'
2 polymer 'Fab E09, heavy chain'
3 polymer 'Tumor necrosis factor receptor superfamily member 6'
4 non-polymer 1,2-ETHANEDIOL
5 non-polymer 'CHLORIDE ION'
6 non-polymer 'CADMIUM ION'
7 water water
#
loop_
_entity_poly.entity_id
_entity_poly.type
_entity_poly.pdbx_seq_one_letter_code
_entity_poly.pdbx_strand_id
1 'polypeptide(L)'
;QSVLTQPPSVSEAPRQTVTISCSGNSFNIGRYPVNWYQQLPGKAPKLLIYYNNLRFSGVSDRFSGSKSGTSASLAIRDLL
SEDEADYYCSTWDDTLKGWVFGGGTKVTVLGQPKAAPSVTLFPPSSEELQANKATLVCLISDFYPGAVTVAWKADSSPVK
AGVETTTPSKQSNNKYAASSYLSLTPEQWKSHRSYSCQVTHEGSTVEKTVAPTECS
;
L
2 'polypeptide(L)'
;QLQLQESGPGLVKPSETLSLTCTVSGASISANSYYGVWVRQSPGKGLEWVGSIAYRGNSNSGSTYYNPSLKSRATVSVDT
SKNQVSLRLTSVTAADTALYYCARRQLLDDGTGYQWAAFDVWGQGTMVTVSSASTKGPSVFPLAPSSKSTSGGTAALGCL
VKDYFPEPVTVSWNSGALTSGVHTFPAVLQSSGLYSLSSVVTVPSSSLGTQTYICNVNHKPSNTKVDKKVEPKSCDKTHT
CPPCP
;
H
3 'polypeptide(L)'
;RLSSKSVNAQVTDINSKGLELRKTVTTVETQNLEGLHHDGQFCHKPCPPGERKARDCTVNGDEPDCVPCQEGKEYTDKAH
FSSKCRRCRLCDEGHGLEVEINCTRTQNTKCRCKPNFFCNSTVCEHCDPCTKCEHGIIKECTLTSNTKCKEEGSRS
;
F
#
# COMPACT_ATOMS: atom_id res chain seq x y z
N GLN A 1 8.74 0.30 7.65
CA GLN A 1 8.62 0.39 6.16
C GLN A 1 8.34 -0.97 5.55
N SER A 2 7.65 -0.99 4.41
CA SER A 2 7.46 -2.22 3.65
C SER A 2 8.82 -2.75 3.24
N VAL A 3 8.92 -4.04 2.92
CA VAL A 3 10.19 -4.56 2.42
C VAL A 3 10.40 -4.14 0.99
N LEU A 4 9.35 -3.75 0.27
CA LEU A 4 9.54 -3.15 -1.07
C LEU A 4 9.38 -1.65 -0.95
N THR A 5 10.36 -0.91 -1.47
CA THR A 5 10.38 0.53 -1.32
C THR A 5 9.93 1.21 -2.60
N GLN A 6 8.89 2.03 -2.49
CA GLN A 6 8.38 2.81 -3.62
C GLN A 6 8.40 4.29 -3.21
N PRO A 7 8.57 5.19 -4.19
CA PRO A 7 8.42 6.61 -3.87
C PRO A 7 6.95 6.94 -3.56
N PRO A 8 6.69 7.75 -2.54
CA PRO A 8 5.28 8.07 -2.24
C PRO A 8 4.52 8.74 -3.39
N SER A 9 5.22 9.51 -4.22
CA SER A 9 4.54 10.32 -5.22
C SER A 9 5.42 10.48 -6.46
N VAL A 10 4.83 10.39 -7.65
CA VAL A 10 5.50 10.82 -8.90
C VAL A 10 4.49 11.67 -9.66
N SER A 11 4.94 12.51 -10.58
CA SER A 11 4.01 13.36 -11.31
C SER A 11 4.64 13.84 -12.61
N GLU A 12 3.82 14.31 -13.54
CA GLU A 12 4.29 14.97 -14.77
C GLU A 12 3.10 15.64 -15.42
N ALA A 13 3.35 16.47 -16.42
CA ALA A 13 2.29 17.13 -17.16
C ALA A 13 1.58 16.12 -18.02
N PRO A 14 0.36 16.46 -18.48
CA PRO A 14 -0.35 15.55 -19.39
C PRO A 14 0.48 15.20 -20.61
N ARG A 15 0.37 13.95 -21.06
CA ARG A 15 1.04 13.47 -22.27
C ARG A 15 2.52 13.12 -22.05
N GLN A 16 3.05 13.39 -20.87
CA GLN A 16 4.43 13.04 -20.56
C GLN A 16 4.50 11.64 -19.95
N THR A 17 5.67 11.27 -19.43
CA THR A 17 5.89 9.93 -18.92
C THR A 17 6.36 9.96 -17.47
N VAL A 18 5.88 9.04 -16.66
CA VAL A 18 6.43 8.86 -15.32
C VAL A 18 6.91 7.43 -15.15
N THR A 19 7.87 7.27 -14.25
CA THR A 19 8.38 5.95 -13.93
C THR A 19 8.38 5.75 -12.45
N ILE A 20 7.91 4.57 -12.03
CA ILE A 20 7.78 4.27 -10.62
C ILE A 20 8.69 3.10 -10.26
N SER A 21 9.61 3.32 -9.33
CA SER A 21 10.56 2.27 -8.98
C SER A 21 10.00 1.48 -7.81
N CYS A 22 10.53 0.28 -7.63
CA CYS A 22 10.09 -0.60 -6.54
C CYS A 22 11.27 -1.47 -6.20
N SER A 23 11.97 -1.18 -5.10
CA SER A 23 13.21 -1.89 -4.84
C SER A 23 13.15 -2.79 -3.62
N GLY A 24 13.77 -3.95 -3.74
CA GLY A 24 13.75 -4.96 -2.69
C GLY A 24 15.16 -5.46 -2.44
N ASN A 25 15.28 -6.75 -2.21
CA ASN A 25 16.57 -7.35 -1.91
C ASN A 25 16.64 -8.73 -2.53
N SER A 26 17.64 -9.50 -2.16
CA SER A 26 17.89 -10.77 -2.84
C SER A 26 16.89 -11.84 -2.47
N PHE A 27 16.12 -11.61 -1.40
CA PHE A 27 15.15 -12.63 -0.95
C PHE A 27 13.73 -12.38 -1.44
N ASN A 28 13.51 -11.24 -2.11
CA ASN A 28 12.23 -11.02 -2.74
C ASN A 28 12.36 -10.79 -4.23
N ILE A 29 12.47 -9.54 -4.66
CA ILE A 29 12.50 -9.28 -6.09
C ILE A 29 13.70 -10.01 -6.69
N GLY A 30 14.76 -10.18 -5.91
CA GLY A 30 15.98 -10.80 -6.44
C GLY A 30 15.71 -12.22 -6.92
N ARG A 31 14.61 -12.82 -6.43
CA ARG A 31 14.28 -14.19 -6.81
C ARG A 31 12.96 -14.31 -7.59
N TYR A 32 12.02 -13.41 -7.32
CA TYR A 32 10.64 -13.64 -7.76
C TYR A 32 10.14 -12.55 -8.68
N PRO A 33 9.25 -12.92 -9.60
CA PRO A 33 8.59 -11.91 -10.45
C PRO A 33 7.73 -10.91 -9.67
N VAL A 34 7.54 -9.75 -10.28
CA VAL A 34 6.78 -8.67 -9.64
C VAL A 34 5.45 -8.46 -10.34
N ASN A 35 4.37 -8.26 -9.57
CA ASN A 35 3.09 -7.85 -10.14
C ASN A 35 2.82 -6.41 -9.72
N TRP A 36 2.01 -5.71 -10.50
CA TRP A 36 1.66 -4.34 -10.15
C TRP A 36 0.15 -4.21 -10.09
N TYR A 37 -0.35 -3.48 -9.11
CA TYR A 37 -1.79 -3.23 -8.95
C TYR A 37 -2.09 -1.73 -9.05
N GLN A 38 -3.22 -1.40 -9.68
CA GLN A 38 -3.64 -0.02 -9.76
C GLN A 38 -4.86 0.21 -8.88
N GLN A 39 -4.82 1.23 -8.05
CA GLN A 39 -6.01 1.53 -7.21
C GLN A 39 -6.49 2.95 -7.41
N LEU A 40 -7.59 3.10 -8.15
CA LEU A 40 -8.21 4.40 -8.40
C LEU A 40 -8.85 4.93 -7.11
N PRO A 41 -8.92 6.26 -7.00
CA PRO A 41 -9.48 6.88 -5.81
C PRO A 41 -10.83 6.28 -5.47
N GLY A 42 -10.95 5.76 -4.26
CA GLY A 42 -12.23 5.24 -3.80
C GLY A 42 -12.54 3.85 -4.31
N LYS A 43 -11.63 3.23 -5.08
CA LYS A 43 -11.90 1.88 -5.58
C LYS A 43 -10.97 0.83 -4.96
N ALA A 44 -11.23 -0.44 -5.24
CA ALA A 44 -10.34 -1.51 -4.81
C ALA A 44 -9.16 -1.61 -5.78
N PRO A 45 -8.08 -2.24 -5.34
CA PRO A 45 -6.96 -2.52 -6.24
C PRO A 45 -7.40 -3.41 -7.41
N LYS A 46 -6.78 -3.24 -8.57
CA LYS A 46 -7.01 -4.17 -9.65
C LYS A 46 -5.69 -4.53 -10.29
N LEU A 47 -5.63 -5.70 -10.91
CA LEU A 47 -4.38 -6.19 -11.47
C LEU A 47 -4.07 -5.38 -12.72
N LEU A 48 -2.83 -4.94 -12.82
CA LEU A 48 -2.42 -4.05 -13.90
C LEU A 48 -1.35 -4.77 -14.74
N ILE A 49 -0.24 -5.12 -14.09
CA ILE A 49 0.84 -5.87 -14.74
C ILE A 49 1.12 -7.13 -13.94
N TYR A 50 1.37 -8.24 -14.63
CA TYR A 50 1.79 -9.46 -13.94
C TYR A 50 3.05 -10.03 -14.57
N TYR A 51 3.82 -10.78 -13.78
CA TYR A 51 4.99 -11.49 -14.28
C TYR A 51 5.97 -10.47 -14.87
N ASN A 52 6.23 -9.40 -14.13
CA ASN A 52 7.14 -8.31 -14.53
C ASN A 52 6.63 -7.38 -15.64
N ASN A 53 6.19 -7.92 -16.76
CA ASN A 53 5.97 -7.09 -17.93
C ASN A 53 4.74 -7.42 -18.76
N LEU A 54 3.87 -8.32 -18.29
CA LEU A 54 2.68 -8.67 -19.06
C LEU A 54 1.46 -7.83 -18.64
N ARG A 55 0.79 -7.23 -19.61
CA ARG A 55 -0.37 -6.41 -19.31
C ARG A 55 -1.59 -7.33 -19.06
N PHE A 56 -2.31 -7.11 -17.97
CA PHE A 56 -3.54 -7.88 -17.72
C PHE A 56 -4.63 -7.48 -18.73
N SER A 57 -5.65 -8.31 -18.92
CA SER A 57 -6.69 -8.02 -19.90
C SER A 57 -7.32 -6.64 -19.64
N GLY A 58 -7.56 -5.90 -20.71
CA GLY A 58 -8.10 -4.56 -20.60
C GLY A 58 -7.09 -3.44 -20.40
N VAL A 59 -5.85 -3.77 -20.04
CA VAL A 59 -4.88 -2.73 -19.64
C VAL A 59 -4.25 -2.07 -20.87
N SER A 60 -4.16 -0.74 -20.83
CA SER A 60 -3.66 0.06 -21.95
C SER A 60 -2.19 -0.21 -22.20
N ASP A 61 -1.76 -0.23 -23.46
CA ASP A 61 -0.34 -0.46 -23.73
C ASP A 61 0.54 0.73 -23.30
N ARG A 62 -0.08 1.82 -22.85
CA ARG A 62 0.69 2.93 -22.25
C ARG A 62 1.36 2.49 -20.94
N PHE A 63 0.86 1.43 -20.30
CA PHE A 63 1.51 0.91 -19.11
C PHE A 63 2.54 -0.15 -19.51
N SER A 64 3.73 -0.10 -18.94
CA SER A 64 4.73 -1.12 -19.20
C SER A 64 5.53 -1.40 -17.94
N GLY A 65 5.96 -2.64 -17.76
CA GLY A 65 6.70 -3.01 -16.56
C GLY A 65 8.02 -3.68 -16.90
N SER A 66 8.99 -3.58 -16.01
CA SER A 66 10.24 -4.31 -16.21
C SER A 66 10.83 -4.63 -14.87
N LYS A 67 11.85 -5.49 -14.88
CA LYS A 67 12.57 -5.86 -13.66
C LYS A 67 14.04 -6.06 -13.95
N SER A 68 14.88 -5.73 -12.98
CA SER A 68 16.35 -5.84 -13.14
C SER A 68 16.91 -6.03 -11.75
N GLY A 69 17.54 -7.18 -11.52
CA GLY A 69 18.24 -7.42 -10.28
C GLY A 69 17.23 -7.50 -9.15
N THR A 70 17.32 -6.57 -8.21
CA THR A 70 16.40 -6.56 -7.07
C THR A 70 15.40 -5.40 -7.13
N SER A 71 15.23 -4.82 -8.32
CA SER A 71 14.28 -3.73 -8.51
C SER A 71 13.33 -4.00 -9.65
N ALA A 72 12.14 -3.41 -9.57
CA ALA A 72 11.22 -3.46 -10.69
C ALA A 72 10.76 -2.06 -10.99
N SER A 73 10.15 -1.87 -12.15
N SER A 73 10.13 -1.86 -12.14
CA SER A 73 9.77 -0.54 -12.60
CA SER A 73 9.76 -0.53 -12.54
C SER A 73 8.47 -0.54 -13.38
C SER A 73 8.49 -0.53 -13.37
N LEU A 74 7.63 0.46 -13.12
CA LEU A 74 6.42 0.65 -13.90
C LEU A 74 6.49 2.00 -14.58
N ALA A 75 6.23 2.03 -15.87
CA ALA A 75 6.26 3.30 -16.60
C ALA A 75 4.91 3.54 -17.22
N ILE A 76 4.45 4.79 -17.14
CA ILE A 76 3.20 5.18 -17.75
C ILE A 76 3.49 6.32 -18.70
N ARG A 77 3.31 6.09 -20.00
CA ARG A 77 3.62 7.13 -20.98
C ARG A 77 2.33 7.80 -21.46
N ASP A 78 2.48 8.97 -22.09
CA ASP A 78 1.36 9.67 -22.68
C ASP A 78 0.25 9.80 -21.61
N LEU A 79 0.63 10.32 -20.45
CA LEU A 79 -0.25 10.41 -19.29
C LEU A 79 -1.58 11.09 -19.57
N LEU A 80 -2.65 10.52 -18.99
CA LEU A 80 -3.97 11.12 -19.00
C LEU A 80 -4.44 11.30 -17.55
N SER A 81 -5.34 12.24 -17.33
CA SER A 81 -5.93 12.45 -16.00
C SER A 81 -6.43 11.15 -15.39
N GLU A 82 -7.00 10.28 -16.20
CA GLU A 82 -7.59 9.05 -15.67
C GLU A 82 -6.56 8.12 -15.04
N ASP A 83 -5.27 8.38 -15.30
CA ASP A 83 -4.17 7.58 -14.76
C ASP A 83 -3.87 7.93 -13.31
N GLU A 84 -4.41 9.03 -12.82
CA GLU A 84 -4.19 9.42 -11.43
C GLU A 84 -4.74 8.35 -10.49
N ALA A 85 -3.88 7.77 -9.67
CA ALA A 85 -4.24 6.61 -8.85
C ALA A 85 -3.04 6.25 -7.99
N ASP A 86 -3.21 5.29 -7.06
CA ASP A 86 -2.09 4.72 -6.34
C ASP A 86 -1.69 3.40 -6.99
N TYR A 87 -0.38 3.19 -7.17
CA TYR A 87 0.15 1.99 -7.81
C TYR A 87 1.00 1.21 -6.80
N TYR A 88 0.74 -0.10 -6.66
CA TYR A 88 1.47 -0.96 -5.73
C TYR A 88 2.24 -2.07 -6.45
N CYS A 89 3.52 -2.25 -6.12
CA CYS A 89 4.23 -3.44 -6.59
C CYS A 89 4.04 -4.56 -5.55
N SER A 90 4.26 -5.80 -5.98
CA SER A 90 4.02 -6.94 -5.12
C SER A 90 4.85 -8.14 -5.53
N THR A 91 5.39 -8.85 -4.55
CA THR A 91 6.07 -10.10 -4.82
C THR A 91 6.06 -11.01 -3.59
N TRP A 92 6.70 -12.17 -3.73
CA TRP A 92 6.96 -13.07 -2.61
C TRP A 92 8.26 -12.71 -1.91
N ASP A 93 8.26 -12.80 -0.58
CA ASP A 93 9.47 -12.60 0.22
C ASP A 93 9.82 -13.87 1.02
N ASP A 94 11.02 -14.40 0.79
CA ASP A 94 11.42 -15.67 1.40
C ASP A 94 11.87 -15.50 2.83
N THR A 95 12.17 -14.28 3.25
CA THR A 95 12.53 -14.05 4.63
C THR A 95 11.25 -14.06 5.51
N LEU A 96 10.18 -13.45 5.01
CA LEU A 96 8.92 -13.37 5.72
C LEU A 96 8.03 -14.58 5.40
N LYS A 97 8.35 -15.27 4.31
CA LYS A 97 7.58 -16.42 3.85
C LYS A 97 6.15 -16.03 3.52
N GLY A 98 5.99 -14.97 2.72
CA GLY A 98 4.68 -14.56 2.28
C GLY A 98 4.67 -13.49 1.22
N TRP A 99 3.47 -13.13 0.80
CA TRP A 99 3.25 -12.06 -0.16
C TRP A 99 3.55 -10.72 0.49
N VAL A 100 4.23 -9.82 -0.24
CA VAL A 100 4.50 -8.47 0.25
C VAL A 100 4.12 -7.43 -0.81
N PHE A 101 3.89 -6.19 -0.38
CA PHE A 101 3.50 -5.11 -1.28
C PHE A 101 4.40 -3.89 -0.99
N GLY A 102 4.72 -3.10 -2.01
CA GLY A 102 5.38 -1.82 -1.76
C GLY A 102 4.42 -0.88 -1.03
N GLY A 103 4.93 0.23 -0.54
CA GLY A 103 4.13 1.20 0.21
C GLY A 103 3.17 2.00 -0.67
N GLY A 104 3.23 1.79 -1.98
CA GLY A 104 2.32 2.47 -2.89
C GLY A 104 2.88 3.82 -3.43
N THR A 105 2.55 4.14 -4.68
CA THR A 105 2.95 5.44 -5.28
C THR A 105 1.79 6.18 -5.86
N LYS A 106 1.54 7.39 -5.38
CA LYS A 106 0.49 8.21 -5.96
C LYS A 106 1.00 8.89 -7.25
N VAL A 107 0.26 8.76 -8.35
CA VAL A 107 0.55 9.46 -9.60
C VAL A 107 -0.35 10.70 -9.69
N THR A 108 0.26 11.86 -9.95
CA THR A 108 -0.47 13.10 -10.17
C THR A 108 -0.16 13.60 -11.58
N VAL A 109 -1.20 13.96 -12.33
CA VAL A 109 -1.03 14.56 -13.65
C VAL A 109 -1.18 16.04 -13.39
N LEU A 110 -0.11 16.80 -13.52
CA LEU A 110 -0.07 18.18 -13.04
C LEU A 110 -1.11 19.04 -13.74
N GLY A 111 -1.98 19.66 -12.96
CA GLY A 111 -3.00 20.56 -13.50
C GLY A 111 -2.78 22.00 -13.07
N GLN A 112 -1.70 22.26 -12.35
CA GLN A 112 -1.42 23.59 -11.82
C GLN A 112 0.03 23.59 -11.35
N PRO A 113 0.59 24.79 -11.09
CA PRO A 113 1.99 24.81 -10.66
C PRO A 113 2.21 24.04 -9.37
N LYS A 114 3.39 23.46 -9.21
CA LYS A 114 3.73 22.85 -7.94
C LYS A 114 3.79 23.95 -6.90
N ALA A 115 3.43 23.62 -5.66
CA ALA A 115 3.39 24.62 -4.59
C ALA A 115 3.87 24.02 -3.29
N ALA A 116 4.76 24.72 -2.60
CA ALA A 116 5.35 24.19 -1.36
C ALA A 116 4.40 24.47 -0.19
N PRO A 117 4.40 23.59 0.81
CA PRO A 117 3.42 23.74 1.89
C PRO A 117 3.79 24.84 2.88
N SER A 118 2.78 25.52 3.42
CA SER A 118 2.95 26.34 4.61
C SER A 118 2.80 25.41 5.79
N VAL A 119 3.68 25.52 6.78
CA VAL A 119 3.57 24.67 7.95
C VAL A 119 3.40 25.53 9.18
N THR A 120 2.41 25.18 10.01
CA THR A 120 2.22 25.86 11.29
C THR A 120 2.14 24.79 12.37
N LEU A 121 2.97 24.94 13.40
CA LEU A 121 3.04 23.96 14.48
C LEU A 121 2.53 24.60 15.75
N PHE A 122 1.40 24.11 16.22
CA PHE A 122 0.81 24.60 17.46
C PHE A 122 1.23 23.78 18.66
N PRO A 123 1.67 24.45 19.73
CA PRO A 123 1.92 23.73 20.98
C PRO A 123 0.60 23.42 21.70
N PRO A 124 0.66 22.65 22.78
CA PRO A 124 -0.54 22.38 23.57
C PRO A 124 -1.17 23.66 24.12
N SER A 125 -2.49 23.77 24.08
CA SER A 125 -3.17 24.91 24.68
C SER A 125 -3.09 24.86 26.20
N SER A 126 -3.10 26.02 26.85
CA SER A 126 -3.12 26.07 28.30
C SER A 126 -4.34 25.29 28.84
N GLU A 127 -5.43 25.34 28.10
CA GLU A 127 -6.65 24.64 28.48
C GLU A 127 -6.41 23.14 28.52
N GLU A 128 -5.73 22.61 27.51
CA GLU A 128 -5.52 21.17 27.44
C GLU A 128 -4.56 20.74 28.54
N LEU A 129 -3.52 21.54 28.76
CA LEU A 129 -2.56 21.25 29.81
C LEU A 129 -3.24 21.21 31.18
N GLN A 130 -4.24 22.05 31.38
CA GLN A 130 -5.00 22.06 32.64
C GLN A 130 -5.80 20.77 32.79
N ALA A 131 -6.19 20.18 31.66
CA ALA A 131 -6.90 18.91 31.67
C ALA A 131 -5.91 17.75 31.69
N ASN A 132 -4.64 18.04 31.92
CA ASN A 132 -3.62 17.01 32.08
C ASN A 132 -3.40 16.23 30.80
N LYS A 133 -3.51 16.92 29.66
CA LYS A 133 -3.21 16.33 28.35
C LYS A 133 -2.36 17.30 27.53
N ALA A 134 -1.77 16.78 26.46
CA ALA A 134 -0.95 17.62 25.60
C ALA A 134 -1.01 17.07 24.19
N THR A 135 -1.33 17.94 23.24
CA THR A 135 -1.34 17.57 21.84
C THR A 135 -0.59 18.62 21.01
N LEU A 136 0.39 18.18 20.24
CA LEU A 136 1.02 19.05 19.25
C LEU A 136 0.28 18.91 17.93
N VAL A 137 0.01 20.04 17.29
CA VAL A 137 -0.74 20.02 16.04
C VAL A 137 0.06 20.68 14.93
N CYS A 138 0.44 19.86 13.97
CA CYS A 138 1.18 20.33 12.81
C CYS A 138 0.25 20.40 11.62
N LEU A 139 -0.09 21.61 11.21
CA LEU A 139 -1.04 21.81 10.13
C LEU A 139 -0.27 22.24 8.87
N ILE A 140 -0.62 21.62 7.75
CA ILE A 140 0.17 21.69 6.52
C ILE A 140 -0.77 22.06 5.40
N SER A 141 -0.54 23.18 4.72
CA SER A 141 -1.50 23.60 3.69
C SER A 141 -0.89 24.21 2.44
N ASP A 142 -1.77 24.45 1.48
CA ASP A 142 -1.44 25.11 0.22
C ASP A 142 -0.31 24.42 -0.54
N PHE A 143 -0.30 23.09 -0.60
CA PHE A 143 0.73 22.39 -1.38
C PHE A 143 0.16 21.58 -2.54
N TYR A 144 1.02 21.35 -3.55
CA TYR A 144 0.66 20.55 -4.71
C TYR A 144 1.94 20.08 -5.42
N PRO A 145 2.00 18.79 -5.77
CA PRO A 145 0.99 17.72 -5.65
C PRO A 145 0.59 17.39 -4.19
N GLY A 146 -0.53 16.68 -4.02
CA GLY A 146 -1.03 16.33 -2.69
C GLY A 146 -0.36 15.11 -2.05
N ALA A 147 0.93 15.24 -1.73
CA ALA A 147 1.63 14.20 -1.02
C ALA A 147 2.70 14.81 -0.14
N VAL A 148 2.68 14.48 1.15
CA VAL A 148 3.76 14.89 2.05
C VAL A 148 4.19 13.75 2.97
N THR A 149 5.38 13.88 3.53
CA THR A 149 5.90 12.95 4.51
C THR A 149 6.18 13.73 5.80
N VAL A 150 5.59 13.29 6.92
CA VAL A 150 5.73 14.01 8.19
C VAL A 150 6.56 13.21 9.17
N ALA A 151 7.53 13.86 9.81
CA ALA A 151 8.35 13.19 10.80
C ALA A 151 8.43 14.08 12.03
N TRP A 152 8.34 13.45 13.21
CA TRP A 152 8.36 14.19 14.46
C TRP A 152 9.62 13.86 15.23
N LYS A 153 10.15 14.85 15.94
CA LYS A 153 11.27 14.63 16.83
C LYS A 153 11.04 15.29 18.19
N ALA A 154 11.57 14.66 19.22
CA ALA A 154 11.64 15.25 20.55
C ALA A 154 13.13 15.47 20.81
N ASP A 155 13.56 16.72 20.85
CA ASP A 155 14.98 17.02 20.80
C ASP A 155 15.54 16.32 19.56
N SER A 156 16.45 15.36 19.72
CA SER A 156 16.98 14.64 18.56
C SER A 156 16.36 13.23 18.37
N SER A 157 15.40 12.86 19.22
CA SER A 157 14.85 11.51 19.19
C SER A 157 13.61 11.42 18.29
N PRO A 158 13.68 10.62 17.22
CA PRO A 158 12.48 10.38 16.42
C PRO A 158 11.35 9.83 17.28
N VAL A 159 10.14 10.35 17.07
CA VAL A 159 9.00 9.89 17.81
C VAL A 159 7.99 9.33 16.82
N LYS A 160 7.55 8.11 17.07
CA LYS A 160 6.51 7.50 16.24
C LYS A 160 5.26 7.19 17.09
N ALA A 161 5.47 6.94 18.37
CA ALA A 161 4.35 6.65 19.27
C ALA A 161 3.45 7.87 19.42
N GLY A 162 2.15 7.66 19.35
CA GLY A 162 1.20 8.74 19.55
C GLY A 162 1.06 9.70 18.38
N VAL A 163 1.54 9.29 17.21
CA VAL A 163 1.46 10.13 16.02
C VAL A 163 0.29 9.68 15.14
N GLU A 164 -0.52 10.62 14.70
CA GLU A 164 -1.53 10.31 13.70
C GLU A 164 -1.47 11.39 12.64
N THR A 165 -1.61 11.00 11.37
CA THR A 165 -1.47 11.95 10.27
C THR A 165 -2.56 11.70 9.26
N THR A 166 -3.18 12.76 8.75
CA THR A 166 -4.21 12.58 7.73
C THR A 166 -3.64 12.50 6.33
N THR A 167 -4.36 11.81 5.46
CA THR A 167 -4.14 11.83 4.02
C THR A 167 -4.54 13.20 3.50
N PRO A 168 -3.71 13.81 2.63
CA PRO A 168 -3.98 15.16 2.13
C PRO A 168 -5.37 15.33 1.52
N SER A 169 -6.04 16.42 1.87
CA SER A 169 -7.39 16.69 1.39
C SER A 169 -7.38 17.97 0.59
N LYS A 170 -8.15 18.01 -0.49
CA LYS A 170 -8.25 19.19 -1.36
C LYS A 170 -8.90 20.37 -0.65
N GLN A 171 -8.30 21.55 -0.78
CA GLN A 171 -8.87 22.77 -0.20
C GLN A 171 -9.79 23.45 -1.19
N SER A 172 -10.47 24.49 -0.74
CA SER A 172 -11.36 25.27 -1.59
C SER A 172 -10.62 25.85 -2.81
N ASN A 173 -9.34 26.15 -2.63
CA ASN A 173 -8.58 26.75 -3.72
C ASN A 173 -7.90 25.71 -4.61
N ASN A 174 -8.22 24.44 -4.36
CA ASN A 174 -7.76 23.33 -5.19
C ASN A 174 -6.32 22.86 -4.96
N LYS A 175 -5.65 23.48 -4.00
CA LYS A 175 -4.39 22.95 -3.49
C LYS A 175 -4.75 21.95 -2.37
N TYR A 176 -3.74 21.30 -1.78
CA TYR A 176 -3.99 20.31 -0.73
C TYR A 176 -3.55 20.76 0.65
N ALA A 177 -4.14 20.17 1.68
CA ALA A 177 -3.68 20.38 3.04
C ALA A 177 -3.65 19.03 3.75
N ALA A 178 -2.89 18.96 4.82
CA ALA A 178 -2.88 17.75 5.65
C ALA A 178 -2.57 18.14 7.09
N SER A 179 -2.82 17.22 8.02
CA SER A 179 -2.61 17.50 9.43
C SER A 179 -1.90 16.35 10.10
N SER A 180 -1.09 16.65 11.10
CA SER A 180 -0.45 15.60 11.87
C SER A 180 -0.44 15.99 13.35
N TYR A 181 -0.62 14.98 14.20
CA TYR A 181 -0.75 15.18 15.66
C TYR A 181 0.28 14.38 16.40
N LEU A 182 0.87 14.97 17.44
CA LEU A 182 1.69 14.24 18.38
C LEU A 182 1.04 14.33 19.77
N SER A 183 0.61 13.18 20.28
CA SER A 183 0.00 13.14 21.61
C SER A 183 1.08 12.88 22.65
N LEU A 184 1.10 13.69 23.70
CA LEU A 184 2.14 13.61 24.73
C LEU A 184 1.49 13.71 26.09
N THR A 185 2.17 13.27 27.14
CA THR A 185 1.78 13.66 28.49
C THR A 185 2.36 15.04 28.76
N PRO A 186 1.74 15.80 29.67
CA PRO A 186 2.33 17.06 30.11
C PRO A 186 3.78 16.87 30.56
N GLU A 187 4.06 15.76 31.25
CA GLU A 187 5.43 15.45 31.64
C GLU A 187 6.38 15.38 30.44
N GLN A 188 5.98 14.64 29.41
CA GLN A 188 6.79 14.54 28.19
C GLN A 188 7.01 15.90 27.55
N TRP A 189 5.95 16.66 27.44
CA TRP A 189 5.99 17.97 26.81
C TRP A 189 7.02 18.87 27.50
N LYS A 190 7.01 18.88 28.83
CA LYS A 190 7.84 19.83 29.57
C LYS A 190 9.26 19.33 29.83
N SER A 191 9.52 18.04 29.57
CA SER A 191 10.81 17.44 29.90
C SER A 191 11.80 17.43 28.72
N HIS A 192 11.33 17.80 27.54
CA HIS A 192 12.23 17.94 26.40
C HIS A 192 12.44 19.43 26.10
N ARG A 193 13.58 19.77 25.50
N ARG A 193 13.57 19.76 25.48
CA ARG A 193 13.89 21.16 25.17
CA ARG A 193 13.89 21.16 25.18
C ARG A 193 12.95 21.70 24.10
C ARG A 193 13.00 21.71 24.09
N SER A 194 12.69 20.89 23.08
CA SER A 194 11.83 21.30 21.99
C SER A 194 11.34 20.10 21.23
N TYR A 195 10.32 20.33 20.41
CA TYR A 195 9.76 19.30 19.56
C TYR A 195 9.70 19.86 18.18
N SER A 196 9.84 19.02 17.16
CA SER A 196 9.76 19.52 15.81
C SER A 196 8.90 18.65 14.91
N CYS A 197 8.24 19.32 13.97
CA CYS A 197 7.46 18.68 12.92
C CYS A 197 8.21 18.96 11.63
N GLN A 198 8.67 17.91 10.95
CA GLN A 198 9.37 18.06 9.68
C GLN A 198 8.49 17.56 8.55
N VAL A 199 8.29 18.39 7.55
CA VAL A 199 7.42 18.05 6.46
C VAL A 199 8.20 17.99 5.14
N THR A 200 8.24 16.83 4.49
CA THR A 200 8.93 16.67 3.21
C THR A 200 7.89 16.68 2.10
N HIS A 201 8.12 17.54 1.11
CA HIS A 201 7.25 17.67 -0.03
C HIS A 201 8.12 17.81 -1.27
N GLU A 202 7.87 16.98 -2.29
CA GLU A 202 8.66 16.97 -3.52
C GLU A 202 10.16 16.95 -3.23
N GLY A 203 10.52 16.24 -2.16
CA GLY A 203 11.92 15.92 -1.90
C GLY A 203 12.70 17.01 -1.19
N SER A 204 12.02 17.99 -0.62
CA SER A 204 12.69 18.90 0.29
C SER A 204 11.87 19.07 1.55
N THR A 205 12.60 19.24 2.65
CA THR A 205 12.02 19.17 3.97
C THR A 205 12.11 20.53 4.65
N VAL A 206 11.01 20.94 5.28
CA VAL A 206 11.05 22.13 6.13
C VAL A 206 10.64 21.70 7.52
N GLU A 207 11.07 22.48 8.50
CA GLU A 207 10.94 22.10 9.90
C GLU A 207 10.34 23.27 10.68
N LYS A 208 9.38 22.97 11.55
CA LYS A 208 8.86 23.95 12.51
C LYS A 208 9.08 23.38 13.91
N THR A 209 9.36 24.26 14.85
CA THR A 209 9.75 23.82 16.19
C THR A 209 8.96 24.58 17.26
N VAL A 210 8.63 23.90 18.36
CA VAL A 210 8.05 24.56 19.53
C VAL A 210 8.69 24.07 20.83
N ALA A 211 8.73 24.94 21.84
CA ALA A 211 9.35 24.62 23.11
C ALA A 211 8.40 24.92 24.28
N PRO A 212 8.46 24.12 25.36
CA PRO A 212 7.65 24.36 26.56
C PRO A 212 7.79 25.78 27.08
N THR A 213 8.97 26.35 26.93
CA THR A 213 9.20 27.74 27.33
C THR A 213 8.42 28.70 26.45
N GLN B 1 -18.05 -12.59 -15.68
CA GLN B 1 -17.44 -13.78 -15.10
C GLN B 1 -17.41 -13.68 -13.57
N LEU B 2 -16.26 -13.99 -12.98
CA LEU B 2 -16.15 -14.00 -11.53
C LEU B 2 -16.33 -12.62 -10.91
N GLN B 3 -17.12 -12.56 -9.85
CA GLN B 3 -17.26 -11.34 -9.06
C GLN B 3 -17.21 -11.67 -7.57
N LEU B 4 -16.61 -10.79 -6.81
CA LEU B 4 -16.42 -11.02 -5.38
C LEU B 4 -17.07 -9.90 -4.60
N GLN B 5 -17.68 -10.23 -3.45
CA GLN B 5 -18.32 -9.23 -2.62
C GLN B 5 -18.08 -9.52 -1.15
N GLU B 6 -17.45 -8.57 -0.47
CA GLU B 6 -17.18 -8.73 0.96
C GLU B 6 -18.36 -8.22 1.77
N SER B 7 -18.54 -8.77 2.95
CA SER B 7 -19.50 -8.22 3.91
C SER B 7 -19.12 -8.57 5.33
N GLY B 8 -19.60 -7.76 6.26
CA GLY B 8 -19.38 -7.99 7.68
C GLY B 8 -19.78 -6.78 8.48
N PRO B 9 -19.80 -6.92 9.81
CA PRO B 9 -20.04 -5.77 10.68
C PRO B 9 -18.94 -4.73 10.50
N GLY B 10 -19.30 -3.45 10.51
CA GLY B 10 -18.34 -2.39 10.36
C GLY B 10 -17.65 -1.98 11.65
N LEU B 11 -18.20 -2.35 12.81
CA LEU B 11 -17.56 -2.01 14.09
C LEU B 11 -17.39 -3.24 14.97
N VAL B 12 -16.17 -3.47 15.46
CA VAL B 12 -15.89 -4.59 16.35
C VAL B 12 -15.11 -4.10 17.58
N LYS B 13 -15.32 -4.72 18.73
CA LYS B 13 -14.66 -4.27 19.96
C LYS B 13 -13.38 -5.08 20.22
N PRO B 14 -12.38 -4.46 20.86
CA PRO B 14 -11.10 -5.13 21.14
C PRO B 14 -11.25 -6.38 21.99
N SER B 15 -10.36 -7.35 21.78
CA SER B 15 -10.37 -8.65 22.44
C SER B 15 -11.38 -9.60 21.79
N GLU B 16 -12.27 -9.03 20.99
N GLU B 16 -12.34 -9.06 21.05
CA GLU B 16 -13.39 -9.74 20.40
CA GLU B 16 -13.38 -9.89 20.46
C GLU B 16 -12.97 -10.32 19.04
C GLU B 16 -12.95 -10.38 19.08
N THR B 17 -13.78 -11.22 18.47
CA THR B 17 -13.45 -11.84 17.17
C THR B 17 -14.12 -11.10 16.00
N LEU B 18 -13.31 -10.75 14.99
CA LEU B 18 -13.82 -10.16 13.76
C LEU B 18 -14.13 -11.23 12.73
N SER B 19 -15.32 -11.19 12.13
CA SER B 19 -15.73 -12.18 11.14
C SER B 19 -16.18 -11.50 9.86
N LEU B 20 -15.67 -11.98 8.73
CA LEU B 20 -16.01 -11.40 7.44
C LEU B 20 -16.37 -12.50 6.47
N THR B 21 -17.16 -12.17 5.48
CA THR B 21 -17.58 -13.10 4.46
C THR B 21 -17.23 -12.58 3.07
N CYS B 22 -16.74 -13.45 2.20
CA CYS B 22 -16.51 -13.12 0.80
C CYS B 22 -17.37 -13.99 -0.12
N THR B 23 -18.32 -13.37 -0.81
CA THR B 23 -19.30 -14.12 -1.59
C THR B 23 -18.89 -14.13 -3.05
N VAL B 24 -18.71 -15.34 -3.58
CA VAL B 24 -18.35 -15.56 -4.97
C VAL B 24 -19.59 -15.67 -5.86
N SER B 25 -19.61 -14.89 -6.94
CA SER B 25 -20.67 -14.94 -7.93
C SER B 25 -20.08 -15.11 -9.33
N GLY B 26 -20.89 -15.62 -10.25
CA GLY B 26 -20.49 -15.76 -11.64
C GLY B 26 -19.68 -17.01 -11.89
N ALA B 27 -19.46 -17.79 -10.84
CA ALA B 27 -18.81 -19.09 -10.97
C ALA B 27 -18.95 -19.86 -9.65
N SER B 28 -18.64 -21.15 -9.68
CA SER B 28 -18.76 -21.98 -8.49
C SER B 28 -17.37 -22.28 -7.93
N ILE B 29 -17.18 -22.03 -6.64
CA ILE B 29 -15.87 -22.21 -6.03
C ILE B 29 -15.63 -23.68 -5.69
N SER B 30 -16.62 -24.52 -5.98
CA SER B 30 -16.51 -25.95 -5.71
C SER B 30 -16.48 -26.79 -6.99
N ALA B 31 -16.48 -26.13 -8.14
CA ALA B 31 -16.48 -26.84 -9.41
C ALA B 31 -15.15 -27.54 -9.65
N ASN B 32 -14.06 -26.80 -9.46
CA ASN B 32 -12.71 -27.34 -9.62
C ASN B 32 -11.91 -27.09 -8.35
N SER B 33 -11.03 -26.10 -8.42
CA SER B 33 -10.34 -25.62 -7.24
C SER B 33 -10.51 -24.11 -7.21
N TYR B 34 -10.25 -23.52 -6.06
CA TYR B 34 -10.35 -22.07 -5.90
C TYR B 34 -9.34 -21.65 -4.86
N TYR B 35 -8.47 -20.68 -5.21
CA TYR B 35 -7.50 -20.15 -4.26
C TYR B 35 -7.95 -18.75 -3.86
N GLY B 36 -8.34 -18.56 -2.60
CA GLY B 36 -8.82 -17.27 -2.15
C GLY B 36 -7.85 -16.64 -1.18
N VAL B 37 -7.78 -15.30 -1.19
CA VAL B 37 -6.98 -14.60 -0.20
C VAL B 37 -7.73 -13.43 0.40
N TRP B 38 -7.26 -13.00 1.57
CA TRP B 38 -7.67 -11.73 2.13
C TRP B 38 -6.50 -10.73 2.15
N VAL B 39 -6.80 -9.48 1.81
CA VAL B 39 -5.77 -8.41 1.80
C VAL B 39 -6.38 -7.20 2.46
N ARG B 40 -5.67 -6.58 3.39
CA ARG B 40 -6.25 -5.44 4.09
C ARG B 40 -5.45 -4.17 3.90
N GLN B 41 -6.10 -3.05 4.18
CA GLN B 41 -5.53 -1.72 3.95
C GLN B 41 -6.02 -0.79 5.04
N SER B 42 -5.10 -0.41 5.92
CA SER B 42 -5.42 0.59 6.92
C SER B 42 -5.60 1.92 6.19
N PRO B 43 -6.65 2.69 6.56
CA PRO B 43 -7.03 3.91 5.86
C PRO B 43 -5.84 4.83 5.51
N GLY B 44 -5.67 5.10 4.23
CA GLY B 44 -4.62 6.01 3.79
C GLY B 44 -3.28 5.32 3.69
N LYS B 45 -3.24 4.04 4.06
CA LYS B 45 -2.01 3.26 4.06
C LYS B 45 -1.97 2.21 2.95
N GLY B 46 -0.93 1.38 2.99
CA GLY B 46 -0.70 0.39 1.96
C GLY B 46 -1.40 -0.93 2.17
N LEU B 47 -1.04 -1.90 1.34
CA LEU B 47 -1.70 -3.20 1.35
C LEU B 47 -0.94 -4.22 2.16
N GLU B 48 -1.68 -5.14 2.78
CA GLU B 48 -1.09 -6.22 3.55
C GLU B 48 -1.85 -7.51 3.32
N TRP B 49 -1.15 -8.53 2.83
CA TRP B 49 -1.79 -9.83 2.64
C TRP B 49 -2.01 -10.50 4.01
N VAL B 50 -3.20 -11.06 4.24
CA VAL B 50 -3.55 -11.61 5.56
C VAL B 50 -3.40 -13.11 5.57
N GLY B 51 -3.99 -13.78 4.59
CA GLY B 51 -3.91 -15.22 4.50
C GLY B 51 -4.64 -15.79 3.30
N SER B 52 -4.58 -17.11 3.17
CA SER B 52 -4.97 -17.81 1.95
C SER B 52 -5.70 -19.13 2.26
N ILE B 53 -6.56 -19.57 1.35
CA ILE B 53 -7.02 -20.95 1.38
C ILE B 53 -7.00 -21.50 -0.03
N ALA B 54 -6.46 -22.70 -0.17
CA ALA B 54 -6.48 -23.42 -1.44
C ALA B 54 -7.50 -24.53 -1.30
N TYR B 55 -8.59 -24.38 -2.04
CA TYR B 55 -9.79 -25.17 -1.77
C TYR B 55 -10.14 -26.05 -2.93
N ARG B 56 -10.48 -27.31 -2.62
CA ARG B 56 -10.87 -28.29 -3.63
C ARG B 56 -12.31 -28.73 -3.43
N GLY B 57 -13.17 -28.37 -4.37
CA GLY B 57 -14.60 -28.58 -4.19
C GLY B 57 -15.01 -30.04 -4.02
N ASN B 58 -14.34 -30.94 -4.73
CA ASN B 58 -14.77 -32.33 -4.76
C ASN B 58 -14.45 -33.09 -3.47
N SER B 59 -13.58 -32.55 -2.63
CA SER B 59 -13.34 -33.17 -1.34
C SER B 59 -13.85 -32.27 -0.23
N ASN B 60 -14.44 -31.15 -0.62
CA ASN B 60 -14.87 -30.12 0.32
C ASN B 60 -13.84 -29.91 1.42
N SER B 61 -12.62 -29.52 1.02
CA SER B 61 -11.59 -29.16 1.98
C SER B 61 -10.61 -28.24 1.29
N GLY B 62 -9.89 -27.47 2.08
CA GLY B 62 -8.86 -26.60 1.55
C GLY B 62 -7.69 -26.60 2.49
N SER B 63 -6.54 -26.11 2.05
CA SER B 63 -5.43 -25.96 2.97
C SER B 63 -5.21 -24.48 3.14
N THR B 64 -4.68 -24.07 4.27
CA THR B 64 -4.56 -22.64 4.53
C THR B 64 -3.12 -22.25 4.74
N TYR B 65 -2.83 -20.98 4.50
CA TYR B 65 -1.51 -20.42 4.78
C TYR B 65 -1.68 -18.97 5.22
N TYR B 66 -1.05 -18.61 6.31
CA TYR B 66 -1.31 -17.31 6.90
C TYR B 66 -0.03 -16.46 6.96
N ASN B 67 -0.21 -15.15 6.92
CA ASN B 67 0.89 -14.22 7.20
C ASN B 67 1.36 -14.45 8.63
N PRO B 68 2.65 -14.80 8.80
CA PRO B 68 3.19 -15.03 10.14
C PRO B 68 2.99 -13.86 11.11
N SER B 69 2.91 -12.63 10.62
CA SER B 69 2.84 -11.48 11.53
C SER B 69 1.51 -11.43 12.24
N LEU B 70 0.53 -12.20 11.76
CA LEU B 70 -0.76 -12.24 12.43
C LEU B 70 -0.78 -13.17 13.63
N LYS B 71 0.36 -13.78 13.91
CA LYS B 71 0.55 -14.61 15.11
C LYS B 71 -0.63 -15.58 15.32
N SER B 72 -1.09 -16.22 14.24
CA SER B 72 -2.12 -17.28 14.33
C SER B 72 -3.51 -16.76 14.74
N ARG B 73 -3.72 -15.46 14.66
CA ARG B 73 -5.01 -14.85 15.01
C ARG B 73 -6.02 -15.00 13.88
N ALA B 74 -5.52 -15.33 12.69
CA ALA B 74 -6.33 -15.38 11.49
C ALA B 74 -6.64 -16.82 11.09
N THR B 75 -7.89 -17.07 10.72
CA THR B 75 -8.25 -18.33 10.10
C THR B 75 -9.15 -18.03 8.91
N VAL B 76 -8.98 -18.79 7.85
CA VAL B 76 -9.82 -18.67 6.67
C VAL B 76 -10.52 -20.02 6.44
N SER B 77 -11.77 -19.98 5.98
CA SER B 77 -12.50 -21.22 5.71
C SER B 77 -13.48 -21.04 4.56
N VAL B 78 -14.08 -22.15 4.11
CA VAL B 78 -15.01 -22.11 3.00
C VAL B 78 -16.37 -22.70 3.38
N ASP B 79 -17.45 -22.06 2.93
CA ASP B 79 -18.81 -22.62 3.06
C ASP B 79 -19.29 -22.84 1.62
N THR B 80 -19.13 -24.05 1.13
CA THR B 80 -19.33 -24.31 -0.28
C THR B 80 -20.78 -24.09 -0.72
N SER B 81 -21.72 -24.44 0.14
CA SER B 81 -23.14 -24.31 -0.20
C SER B 81 -23.57 -22.85 -0.37
N LYS B 82 -22.81 -21.91 0.17
CA LYS B 82 -23.10 -20.50 -0.05
C LYS B 82 -22.11 -19.82 -1.01
N ASN B 83 -21.21 -20.59 -1.62
CA ASN B 83 -20.15 -20.01 -2.45
C ASN B 83 -19.41 -18.89 -1.72
N GLN B 84 -19.06 -19.15 -0.47
CA GLN B 84 -18.40 -18.13 0.35
C GLN B 84 -17.07 -18.57 0.92
N VAL B 85 -16.14 -17.62 0.96
CA VAL B 85 -14.91 -17.78 1.72
C VAL B 85 -15.04 -16.83 2.90
N SER B 86 -14.52 -17.20 4.06
CA SER B 86 -14.66 -16.36 5.24
C SER B 86 -13.32 -16.04 5.91
N LEU B 87 -13.27 -14.95 6.66
CA LEU B 87 -12.12 -14.63 7.49
C LEU B 87 -12.54 -14.51 8.94
N ARG B 88 -11.73 -15.05 9.84
CA ARG B 88 -11.92 -14.84 11.24
C ARG B 88 -10.63 -14.36 11.88
N LEU B 89 -10.71 -13.25 12.61
CA LEU B 89 -9.53 -12.64 13.25
C LEU B 89 -9.79 -12.46 14.74
N THR B 90 -9.02 -13.15 15.56
CA THR B 90 -9.27 -13.15 17.01
C THR B 90 -8.42 -12.10 17.70
N SER B 91 -8.81 -11.77 18.91
CA SER B 91 -8.08 -10.82 19.76
C SER B 91 -7.69 -9.52 19.03
N VAL B 92 -8.65 -8.93 18.32
CA VAL B 92 -8.37 -7.70 17.60
C VAL B 92 -8.05 -6.50 18.50
N THR B 93 -7.27 -5.57 17.95
CA THR B 93 -6.93 -4.34 18.62
C THR B 93 -7.12 -3.19 17.64
N ALA B 94 -6.79 -1.98 18.07
CA ALA B 94 -6.88 -0.80 17.20
C ALA B 94 -6.09 -1.01 15.90
N ALA B 95 -4.98 -1.72 15.96
CA ALA B 95 -4.11 -1.88 14.79
C ALA B 95 -4.77 -2.74 13.72
N ASP B 96 -5.93 -3.32 14.02
CA ASP B 96 -6.59 -4.21 13.07
C ASP B 96 -7.66 -3.49 12.23
N THR B 97 -7.90 -2.22 12.55
CA THR B 97 -8.79 -1.36 11.76
C THR B 97 -8.24 -1.24 10.33
N ALA B 98 -9.11 -1.45 9.33
CA ALA B 98 -8.69 -1.53 7.93
C ALA B 98 -9.86 -1.81 7.01
N LEU B 99 -9.66 -1.51 5.72
CA LEU B 99 -10.51 -1.98 4.65
C LEU B 99 -10.09 -3.40 4.33
N TYR B 100 -11.02 -4.35 4.36
CA TYR B 100 -10.71 -5.76 4.11
C TYR B 100 -11.17 -6.15 2.71
N TYR B 101 -10.26 -6.69 1.91
CA TYR B 101 -10.60 -7.13 0.55
C TYR B 101 -10.45 -8.62 0.45
N CYS B 102 -11.32 -9.27 -0.31
CA CYS B 102 -11.04 -10.65 -0.69
C CYS B 102 -10.68 -10.63 -2.16
N ALA B 103 -9.93 -11.65 -2.60
CA ALA B 103 -9.47 -11.71 -3.98
C ALA B 103 -9.16 -13.15 -4.36
N ARG B 104 -9.08 -13.42 -5.66
CA ARG B 104 -8.71 -14.73 -6.14
C ARG B 104 -7.25 -14.71 -6.55
N ARG B 105 -6.49 -15.77 -6.21
CA ARG B 105 -5.14 -15.97 -6.76
C ARG B 105 -5.22 -16.89 -7.98
N GLN B 106 -4.72 -16.43 -9.12
CA GLN B 106 -4.79 -17.21 -10.34
C GLN B 106 -3.36 -17.42 -10.85
N LEU B 107 -3.07 -18.64 -11.29
CA LEU B 107 -1.80 -18.88 -11.99
C LEU B 107 -1.94 -18.46 -13.46
N LEU B 108 -1.22 -17.42 -13.85
CA LEU B 108 -1.36 -16.84 -15.19
C LEU B 108 -0.18 -17.23 -16.10
N ASP B 109 -0.51 -17.63 -17.32
N ASP B 109 -0.48 -17.64 -17.32
CA ASP B 109 0.48 -18.03 -18.32
CA ASP B 109 0.57 -18.10 -18.23
C ASP B 109 1.30 -16.83 -18.77
C ASP B 109 1.25 -16.92 -18.92
N ASP B 110 2.53 -17.09 -19.22
CA ASP B 110 3.32 -16.02 -19.82
C ASP B 110 3.35 -16.19 -21.33
N GLY B 111 2.87 -17.33 -21.80
CA GLY B 111 2.79 -17.61 -23.23
C GLY B 111 3.93 -18.47 -23.72
N THR B 112 4.75 -18.95 -22.79
CA THR B 112 5.89 -19.78 -23.14
C THR B 112 6.02 -20.98 -22.20
N GLY B 113 4.92 -21.34 -21.55
CA GLY B 113 4.89 -22.49 -20.67
C GLY B 113 4.97 -22.13 -19.19
N TYR B 114 5.47 -20.94 -18.89
CA TYR B 114 5.65 -20.51 -17.50
C TYR B 114 4.34 -19.94 -16.92
N GLN B 115 4.09 -20.16 -15.63
CA GLN B 115 3.00 -19.46 -14.94
C GLN B 115 3.49 -18.74 -13.71
N TRP B 116 2.87 -17.61 -13.40
CA TRP B 116 3.13 -16.93 -12.13
C TRP B 116 1.80 -16.52 -11.50
N ALA B 117 1.79 -16.39 -10.17
CA ALA B 117 0.56 -16.11 -9.43
C ALA B 117 0.31 -14.61 -9.32
N ALA B 118 -0.95 -14.21 -9.48
CA ALA B 118 -1.37 -12.84 -9.26
C ALA B 118 -2.79 -12.86 -8.72
N PHE B 119 -3.14 -11.77 -8.05
CA PHE B 119 -4.48 -11.60 -7.53
C PHE B 119 -5.31 -10.91 -8.60
N ASP B 120 -6.00 -11.70 -9.42
CA ASP B 120 -6.57 -11.19 -10.66
C ASP B 120 -8.01 -10.66 -10.55
N VAL B 121 -8.70 -11.02 -9.48
CA VAL B 121 -10.07 -10.53 -9.24
C VAL B 121 -10.18 -10.14 -7.77
N TRP B 122 -10.69 -8.94 -7.53
CA TRP B 122 -10.78 -8.42 -6.17
C TRP B 122 -12.21 -8.02 -5.87
N GLY B 123 -12.57 -8.05 -4.59
CA GLY B 123 -13.88 -7.59 -4.14
C GLY B 123 -13.85 -6.07 -4.04
N GLN B 124 -14.95 -5.48 -3.59
CA GLN B 124 -15.04 -4.03 -3.48
C GLN B 124 -14.46 -3.53 -2.15
N GLY B 125 -14.32 -4.44 -1.18
CA GLY B 125 -13.78 -4.12 0.13
C GLY B 125 -14.87 -3.79 1.15
N THR B 126 -14.71 -4.30 2.37
CA THR B 126 -15.57 -3.88 3.47
C THR B 126 -14.73 -3.23 4.57
N MET B 127 -15.18 -2.09 5.07
CA MET B 127 -14.44 -1.37 6.11
C MET B 127 -14.74 -1.93 7.50
N VAL B 128 -13.69 -2.09 8.30
CA VAL B 128 -13.82 -2.57 9.67
C VAL B 128 -13.08 -1.67 10.65
N THR B 129 -13.82 -1.18 11.64
CA THR B 129 -13.27 -0.33 12.68
C THR B 129 -13.26 -1.10 13.98
N VAL B 130 -12.13 -1.11 14.68
CA VAL B 130 -12.02 -1.75 15.97
C VAL B 130 -11.86 -0.69 17.05
N SER B 131 -12.82 -0.62 17.96
CA SER B 131 -12.78 0.39 19.00
C SER B 131 -13.69 -0.08 20.15
N SER B 132 -13.24 0.14 21.38
CA SER B 132 -14.02 -0.19 22.57
C SER B 132 -14.96 0.95 22.95
N ALA B 133 -14.90 2.05 22.21
CA ALA B 133 -15.55 3.30 22.62
C ALA B 133 -17.09 3.25 22.67
N SER B 134 -17.64 4.01 23.62
CA SER B 134 -19.07 4.31 23.64
C SER B 134 -19.24 5.68 23.05
N THR B 135 -20.49 6.08 22.80
CA THR B 135 -20.75 7.43 22.31
C THR B 135 -20.12 8.42 23.28
N LYS B 136 -19.47 9.44 22.73
CA LYS B 136 -18.73 10.39 23.54
C LYS B 136 -18.53 11.71 22.78
N GLY B 137 -18.94 12.81 23.41
CA GLY B 137 -18.80 14.13 22.83
C GLY B 137 -17.36 14.64 22.95
N PRO B 138 -16.93 15.51 22.03
CA PRO B 138 -15.53 15.97 22.00
C PRO B 138 -15.20 17.03 23.05
N SER B 139 -13.91 17.13 23.38
CA SER B 139 -13.36 18.30 24.06
C SER B 139 -12.83 19.20 22.95
N VAL B 140 -13.08 20.49 23.05
CA VAL B 140 -12.60 21.43 22.05
C VAL B 140 -11.56 22.35 22.68
N PHE B 141 -10.39 22.43 22.05
CA PHE B 141 -9.31 23.29 22.53
C PHE B 141 -8.90 24.27 21.43
N PRO B 142 -8.56 25.52 21.82
CA PRO B 142 -8.32 26.51 20.79
C PRO B 142 -6.90 26.35 20.26
N LEU B 143 -6.71 26.60 18.97
CA LEU B 143 -5.35 26.65 18.41
C LEU B 143 -5.05 28.11 18.16
N ALA B 144 -4.31 28.70 19.08
CA ALA B 144 -4.23 30.14 19.18
C ALA B 144 -3.19 30.63 18.18
N PRO B 145 -3.49 31.72 17.46
CA PRO B 145 -2.55 32.27 16.49
C PRO B 145 -1.41 32.97 17.22
N SER B 146 -0.16 32.72 16.81
CA SER B 146 0.97 33.33 17.47
C SER B 146 1.32 34.67 16.82
N GLY B 153 1.40 38.98 6.12
CA GLY B 153 0.75 39.60 7.26
C GLY B 153 -0.49 38.84 7.72
N THR B 154 -0.47 37.52 7.59
CA THR B 154 -1.61 36.69 7.96
C THR B 154 -1.23 35.76 9.11
N ALA B 155 -2.22 35.08 9.68
CA ALA B 155 -1.89 34.12 10.73
C ALA B 155 -2.89 32.99 10.77
N ALA B 156 -2.41 31.80 11.10
CA ALA B 156 -3.29 30.63 11.20
C ALA B 156 -3.80 30.45 12.64
N LEU B 157 -5.09 30.16 12.76
CA LEU B 157 -5.67 29.85 14.04
C LEU B 157 -6.67 28.72 13.81
N GLY B 158 -7.05 28.01 14.87
CA GLY B 158 -7.91 26.86 14.68
C GLY B 158 -8.54 26.31 15.95
N CYS B 159 -9.27 25.21 15.80
CA CYS B 159 -9.79 24.49 16.95
C CYS B 159 -9.40 23.04 16.80
N LEU B 160 -8.90 22.45 17.88
CA LEU B 160 -8.65 21.02 17.99
C LEU B 160 -9.87 20.36 18.62
N VAL B 161 -10.45 19.39 17.92
CA VAL B 161 -11.63 18.67 18.39
C VAL B 161 -11.20 17.27 18.82
N LYS B 162 -10.99 17.08 20.14
N LYS B 162 -10.99 17.07 20.12
CA LYS B 162 -10.32 15.89 20.67
CA LYS B 162 -10.32 15.86 20.61
C LYS B 162 -11.27 14.81 21.21
C LYS B 162 -11.27 14.81 21.19
N ASP B 163 -11.00 13.56 20.81
CA ASP B 163 -11.53 12.39 21.49
C ASP B 163 -13.04 12.21 21.48
N TYR B 164 -13.62 11.91 20.33
CA TYR B 164 -15.06 11.70 20.23
C TYR B 164 -15.37 10.39 19.51
N PHE B 165 -16.62 9.97 19.59
CA PHE B 165 -17.06 8.74 18.99
C PHE B 165 -18.59 8.74 18.97
N PRO B 166 -19.19 8.28 17.86
CA PRO B 166 -18.51 7.91 16.61
C PRO B 166 -18.38 9.14 15.71
N GLU B 167 -18.06 8.92 14.44
CA GLU B 167 -18.13 10.01 13.46
C GLU B 167 -19.61 10.24 13.14
N PRO B 168 -19.96 11.45 12.69
CA PRO B 168 -19.04 12.55 12.36
C PRO B 168 -19.19 13.77 13.25
N VAL B 169 -18.23 14.68 13.14
CA VAL B 169 -18.37 16.01 13.72
C VAL B 169 -18.43 17.02 12.58
N THR B 170 -19.13 18.13 12.77
CA THR B 170 -19.15 19.22 11.80
C THR B 170 -18.59 20.48 12.46
N VAL B 171 -17.82 21.27 11.70
CA VAL B 171 -17.34 22.54 12.21
C VAL B 171 -17.67 23.69 11.27
N SER B 172 -18.13 24.80 11.85
CA SER B 172 -18.27 26.06 11.14
C SER B 172 -17.53 27.11 11.95
N TRP B 173 -17.37 28.30 11.38
CA TRP B 173 -16.72 29.40 12.08
C TRP B 173 -17.64 30.60 12.09
N ASN B 174 -17.67 31.29 13.23
CA ASN B 174 -18.51 32.46 13.37
C ASN B 174 -19.90 32.19 12.78
N SER B 175 -20.40 30.99 13.06
CA SER B 175 -21.75 30.59 12.65
C SER B 175 -21.96 30.54 11.15
N GLY B 176 -20.87 30.40 10.39
CA GLY B 176 -20.97 30.28 8.94
C GLY B 176 -20.68 31.55 8.18
N ALA B 177 -20.49 32.66 8.89
CA ALA B 177 -20.17 33.93 8.26
C ALA B 177 -18.75 33.87 7.70
N LEU B 178 -17.89 33.14 8.39
CA LEU B 178 -16.49 32.99 8.00
C LEU B 178 -16.28 31.70 7.24
N THR B 179 -15.93 31.81 5.96
CA THR B 179 -15.67 30.63 5.11
C THR B 179 -14.34 30.72 4.35
N SER B 180 -13.93 31.93 3.98
CA SER B 180 -12.70 32.10 3.22
C SER B 180 -11.49 31.73 4.05
N GLY B 181 -10.68 30.83 3.52
CA GLY B 181 -9.48 30.39 4.22
C GLY B 181 -9.70 29.28 5.23
N VAL B 182 -10.95 28.85 5.39
CA VAL B 182 -11.26 27.77 6.32
C VAL B 182 -11.02 26.38 5.72
N HIS B 183 -10.36 25.52 6.48
CA HIS B 183 -10.22 24.13 6.08
C HIS B 183 -10.44 23.26 7.30
N THR B 184 -11.41 22.34 7.22
CA THR B 184 -11.62 21.38 8.30
C THR B 184 -11.15 20.02 7.83
N PHE B 185 -10.24 19.42 8.59
CA PHE B 185 -9.56 18.20 8.17
C PHE B 185 -10.40 16.97 8.40
N PRO B 186 -10.09 15.88 7.69
CA PRO B 186 -10.72 14.61 8.08
C PRO B 186 -10.19 14.16 9.44
N ALA B 187 -10.93 13.27 10.10
CA ALA B 187 -10.54 12.79 11.42
C ALA B 187 -9.48 11.71 11.35
N VAL B 188 -8.68 11.64 12.40
CA VAL B 188 -7.80 10.50 12.62
C VAL B 188 -8.49 9.64 13.68
N LEU B 189 -8.29 8.33 13.61
CA LEU B 189 -8.73 7.44 14.67
C LEU B 189 -7.50 7.10 15.48
N GLN B 190 -7.55 7.38 16.78
CA GLN B 190 -6.37 7.14 17.61
C GLN B 190 -6.38 5.71 18.11
N SER B 191 -5.25 5.24 18.64
CA SER B 191 -5.16 3.86 19.14
C SER B 191 -6.09 3.67 20.35
N SER B 192 -6.52 4.79 20.93
CA SER B 192 -7.48 4.77 22.03
C SER B 192 -8.86 4.40 21.53
N GLY B 193 -9.05 4.38 20.22
CA GLY B 193 -10.34 4.09 19.62
C GLY B 193 -11.27 5.31 19.54
N LEU B 194 -10.72 6.49 19.82
CA LEU B 194 -11.45 7.76 19.68
C LEU B 194 -10.94 8.59 18.53
N TYR B 195 -11.84 9.35 17.90
CA TYR B 195 -11.46 10.23 16.80
C TYR B 195 -11.04 11.60 17.29
N SER B 196 -10.17 12.27 16.53
CA SER B 196 -9.99 13.71 16.66
C SER B 196 -9.91 14.32 15.29
N LEU B 197 -10.33 15.58 15.16
CA LEU B 197 -9.97 16.33 13.96
C LEU B 197 -9.61 17.77 14.33
N SER B 198 -9.19 18.54 13.33
CA SER B 198 -8.90 19.96 13.50
C SER B 198 -9.62 20.76 12.44
N SER B 199 -9.85 22.04 12.72
CA SER B 199 -10.31 22.98 11.71
C SER B 199 -9.44 24.22 11.80
N VAL B 200 -9.11 24.80 10.66
CA VAL B 200 -8.15 25.89 10.66
C VAL B 200 -8.58 26.99 9.70
N VAL B 201 -8.22 28.22 10.03
CA VAL B 201 -8.43 29.33 9.12
C VAL B 201 -7.25 30.28 9.16
N THR B 202 -6.92 30.83 8.00
CA THR B 202 -5.89 31.84 7.88
C THR B 202 -6.57 33.20 7.79
N VAL B 203 -6.21 34.11 8.68
CA VAL B 203 -6.80 35.44 8.70
C VAL B 203 -5.72 36.52 8.75
N PRO B 204 -6.08 37.76 8.40
CA PRO B 204 -5.08 38.83 8.41
C PRO B 204 -4.58 39.10 9.82
N SER B 205 -3.27 39.17 9.99
CA SER B 205 -2.69 39.33 11.31
C SER B 205 -3.18 40.62 11.98
N SER B 206 -3.60 41.59 11.17
CA SER B 206 -4.09 42.86 11.70
C SER B 206 -5.48 42.74 12.30
N SER B 207 -6.17 41.64 12.01
CA SER B 207 -7.54 41.46 12.44
C SER B 207 -7.62 40.89 13.86
N LEU B 208 -6.64 40.07 14.19
CA LEU B 208 -6.59 39.38 15.48
C LEU B 208 -7.01 40.25 16.66
N GLY B 209 -6.86 41.56 16.55
CA GLY B 209 -7.22 42.45 17.62
C GLY B 209 -8.70 42.74 17.67
N THR B 210 -9.25 43.03 16.49
CA THR B 210 -10.64 43.46 16.37
C THR B 210 -11.61 42.30 16.24
N GLN B 211 -11.39 41.46 15.24
CA GLN B 211 -12.33 40.41 14.88
C GLN B 211 -12.28 39.25 15.88
N THR B 212 -13.45 38.76 16.28
CA THR B 212 -13.51 37.58 17.13
C THR B 212 -13.72 36.36 16.25
N TYR B 213 -13.10 35.26 16.64
CA TYR B 213 -13.21 34.03 15.87
C TYR B 213 -13.72 32.94 16.76
N ILE B 214 -14.86 32.35 16.38
CA ILE B 214 -15.47 31.28 17.13
C ILE B 214 -15.69 30.06 16.25
N CYS B 215 -15.19 28.90 16.65
CA CYS B 215 -15.53 27.68 15.94
C CYS B 215 -16.73 27.02 16.63
N ASN B 216 -17.74 26.67 15.84
CA ASN B 216 -18.92 26.00 16.32
C ASN B 216 -18.80 24.52 15.95
N VAL B 217 -18.68 23.66 16.96
CA VAL B 217 -18.46 22.23 16.74
C VAL B 217 -19.73 21.49 17.15
N ASN B 218 -20.31 20.70 16.23
N ASN B 218 -20.32 20.74 16.20
CA ASN B 218 -21.52 19.91 16.54
CA ASN B 218 -21.43 19.86 16.51
C ASN B 218 -21.29 18.41 16.34
C ASN B 218 -20.99 18.41 16.49
N HIS B 219 -21.59 17.62 17.36
CA HIS B 219 -21.43 16.17 17.32
C HIS B 219 -22.83 15.60 17.63
N LYS B 220 -23.64 15.37 16.60
CA LYS B 220 -25.02 14.93 16.82
C LYS B 220 -25.14 13.67 17.68
N PRO B 221 -24.26 12.67 17.46
CA PRO B 221 -24.41 11.41 18.21
C PRO B 221 -24.44 11.58 19.74
N SER B 222 -23.62 12.47 20.28
CA SER B 222 -23.61 12.65 21.74
C SER B 222 -24.55 13.77 22.17
N ASN B 223 -25.23 14.38 21.20
CA ASN B 223 -26.00 15.61 21.43
C ASN B 223 -25.24 16.71 22.16
N THR B 224 -23.99 16.94 21.73
CA THR B 224 -23.22 18.05 22.28
C THR B 224 -22.88 19.05 21.17
N LYS B 225 -22.69 20.29 21.56
CA LYS B 225 -22.46 21.38 20.62
C LYS B 225 -21.70 22.41 21.38
N VAL B 226 -20.53 22.78 20.86
CA VAL B 226 -19.57 23.59 21.58
C VAL B 226 -19.16 24.78 20.70
N ASP B 227 -19.22 25.99 21.23
CA ASP B 227 -18.68 27.15 20.53
C ASP B 227 -17.44 27.60 21.28
N LYS B 228 -16.29 27.58 20.61
CA LYS B 228 -15.07 27.98 21.30
C LYS B 228 -14.53 29.26 20.69
N LYS B 229 -14.40 30.30 21.50
CA LYS B 229 -13.71 31.50 21.08
C LYS B 229 -12.20 31.22 21.06
N VAL B 230 -11.54 31.60 19.97
CA VAL B 230 -10.10 31.39 19.83
C VAL B 230 -9.40 32.74 19.82
N GLU B 231 -8.64 33.04 20.86
CA GLU B 231 -8.01 34.35 20.93
C GLU B 231 -6.49 34.28 21.07
N PRO B 232 -5.83 35.38 20.71
CA PRO B 232 -4.37 35.51 20.74
C PRO B 232 -3.75 34.96 22.02
N LYS B 233 -2.65 34.23 21.88
CA LYS B 233 -1.90 33.71 23.02
C LYS B 233 -1.48 34.88 23.91
N SER B 234 -1.69 34.73 25.22
CA SER B 234 -1.34 35.78 26.18
C SER B 234 0.16 35.83 26.48
N CYS B 235 0.98 35.51 25.49
CA CYS B 235 2.43 35.63 25.60
C CYS B 235 3.11 35.13 24.33
N ASP C 39 1.74 -28.38 -11.63
CA ASP C 39 0.89 -27.22 -11.91
C ASP C 39 0.97 -26.18 -10.79
N GLY C 40 0.66 -26.59 -9.56
CA GLY C 40 0.87 -25.74 -8.39
C GLY C 40 -0.35 -25.03 -7.81
N GLN C 41 -1.54 -25.34 -8.31
CA GLN C 41 -2.74 -24.67 -7.80
C GLN C 41 -2.87 -24.79 -6.27
N PHE C 42 -2.35 -25.88 -5.69
CA PHE C 42 -2.44 -26.08 -4.26
C PHE C 42 -1.14 -25.77 -3.50
N CYS C 43 -0.14 -25.23 -4.21
CA CYS C 43 1.04 -24.71 -3.54
C CYS C 43 0.79 -23.29 -3.04
N HIS C 44 1.17 -23.04 -1.79
CA HIS C 44 1.06 -21.69 -1.24
C HIS C 44 2.34 -20.89 -1.49
N LYS C 45 3.47 -21.58 -1.58
CA LYS C 45 4.78 -20.94 -1.66
C LYS C 45 5.47 -21.30 -2.96
N PRO C 46 6.13 -20.32 -3.59
CA PRO C 46 6.85 -20.61 -4.84
C PRO C 46 8.24 -21.24 -4.59
N CYS C 47 8.83 -21.80 -5.63
CA CYS C 47 10.25 -22.10 -5.56
C CYS C 47 11.02 -21.12 -6.45
N PRO C 48 12.22 -20.70 -6.01
CA PRO C 48 13.05 -19.75 -6.76
C PRO C 48 13.81 -20.38 -7.94
N PRO C 49 14.30 -19.54 -8.86
CA PRO C 49 15.07 -20.03 -10.00
C PRO C 49 16.10 -21.06 -9.55
N GLY C 50 16.28 -22.13 -10.31
CA GLY C 50 17.23 -23.18 -9.96
C GLY C 50 16.62 -24.31 -9.16
N GLU C 51 15.35 -24.17 -8.80
CA GLU C 51 14.68 -25.17 -7.99
C GLU C 51 13.30 -25.52 -8.51
N ARG C 52 12.67 -26.50 -7.86
CA ARG C 52 11.35 -26.97 -8.25
C ARG C 52 10.73 -27.58 -7.00
N LYS C 53 9.41 -27.69 -6.97
CA LYS C 53 8.76 -28.44 -5.89
C LYS C 53 9.16 -29.90 -5.94
N ALA C 54 9.46 -30.49 -4.79
CA ALA C 54 9.86 -31.90 -4.72
C ALA C 54 8.84 -32.81 -5.39
N ARG C 55 7.56 -32.48 -5.21
CA ARG C 55 6.46 -33.21 -5.83
C ARG C 55 5.28 -32.25 -5.91
N ASP C 56 4.22 -32.65 -6.61
CA ASP C 56 3.03 -31.83 -6.72
C ASP C 56 2.43 -31.50 -5.36
N CYS C 57 2.01 -30.26 -5.15
CA CYS C 57 1.25 -29.92 -3.95
C CYS C 57 -0.14 -30.54 -4.01
N THR C 58 -0.67 -30.87 -2.85
CA THR C 58 -2.03 -31.39 -2.76
C THR C 58 -2.73 -30.71 -1.61
N VAL C 59 -4.05 -30.88 -1.54
CA VAL C 59 -4.84 -30.13 -0.60
C VAL C 59 -4.61 -30.60 0.84
N ASN C 60 -4.13 -31.83 1.00
CA ASN C 60 -3.95 -32.37 2.35
C ASN C 60 -2.51 -32.60 2.76
N GLY C 61 -1.62 -32.78 1.78
CA GLY C 61 -0.25 -33.09 2.10
C GLY C 61 0.48 -31.89 2.65
N ASP C 62 1.53 -32.14 3.43
CA ASP C 62 2.41 -31.07 3.87
C ASP C 62 3.02 -30.51 2.61
N GLU C 63 3.09 -29.20 2.52
CA GLU C 63 3.63 -28.58 1.30
C GLU C 63 5.05 -29.09 1.05
N PRO C 64 5.30 -29.63 -0.13
CA PRO C 64 6.63 -30.17 -0.45
C PRO C 64 7.71 -29.09 -0.46
N ASP C 65 8.93 -29.45 -0.08
CA ASP C 65 10.03 -28.50 -0.07
C ASP C 65 10.48 -28.25 -1.50
N CYS C 66 11.24 -27.17 -1.70
CA CYS C 66 11.90 -26.95 -2.98
C CYS C 66 13.15 -27.78 -3.02
N VAL C 67 13.43 -28.37 -4.18
CA VAL C 67 14.67 -29.12 -4.40
C VAL C 67 15.34 -28.62 -5.67
N PRO C 68 16.68 -28.75 -5.74
CA PRO C 68 17.43 -28.18 -6.87
C PRO C 68 17.26 -28.95 -8.16
N CYS C 69 17.26 -28.24 -9.29
CA CYS C 69 17.32 -28.88 -10.60
C CYS C 69 18.68 -29.58 -10.73
N GLN C 70 18.78 -30.54 -11.62
CA GLN C 70 20.02 -31.25 -11.87
C GLN C 70 20.95 -30.40 -12.77
N GLU C 71 22.04 -29.89 -12.20
CA GLU C 71 22.93 -29.05 -12.99
C GLU C 71 23.44 -29.83 -14.19
N GLY C 72 23.45 -29.17 -15.36
CA GLY C 72 23.89 -29.80 -16.59
C GLY C 72 22.77 -30.50 -17.36
N LYS C 73 21.66 -30.78 -16.68
CA LYS C 73 20.56 -31.49 -17.29
C LYS C 73 19.30 -30.62 -17.38
N GLU C 74 18.90 -30.06 -16.24
CA GLU C 74 17.65 -29.30 -16.19
C GLU C 74 17.85 -27.97 -15.50
N TYR C 75 16.91 -27.05 -15.73
CA TYR C 75 17.02 -25.72 -15.18
C TYR C 75 15.65 -25.07 -15.03
N THR C 76 15.62 -24.02 -14.21
CA THR C 76 14.50 -23.11 -14.15
C THR C 76 15.07 -21.71 -14.03
N ASP C 77 14.79 -20.88 -15.02
CA ASP C 77 15.34 -19.54 -15.02
C ASP C 77 14.40 -18.57 -14.28
N LYS C 78 13.19 -19.03 -13.99
CA LYS C 78 12.20 -18.18 -13.32
C LYS C 78 11.56 -18.94 -12.15
N ALA C 79 11.18 -18.22 -11.10
CA ALA C 79 10.44 -18.82 -9.98
C ALA C 79 9.12 -19.36 -10.49
N HIS C 80 8.57 -20.34 -9.78
CA HIS C 80 7.39 -21.03 -10.25
C HIS C 80 6.80 -21.87 -9.10
N PHE C 81 5.63 -22.43 -9.35
CA PHE C 81 4.93 -23.20 -8.34
C PHE C 81 4.83 -24.66 -8.74
N SER C 82 5.64 -25.08 -9.69
CA SER C 82 5.48 -26.41 -10.29
C SER C 82 6.51 -27.41 -9.75
N SER C 83 6.33 -28.68 -10.06
CA SER C 83 7.25 -29.69 -9.53
C SER C 83 8.20 -30.19 -10.62
N LYS C 84 8.34 -29.40 -11.68
CA LYS C 84 9.18 -29.77 -12.82
C LYS C 84 10.21 -28.70 -13.11
N CYS C 85 11.39 -29.12 -13.56
CA CYS C 85 12.37 -28.22 -14.13
C CYS C 85 12.26 -28.31 -15.65
N ARG C 86 12.99 -27.45 -16.36
CA ARG C 86 12.97 -27.50 -17.81
C ARG C 86 14.27 -28.14 -18.30
N ARG C 87 14.20 -28.86 -19.41
CA ARG C 87 15.37 -29.57 -19.90
C ARG C 87 16.32 -28.63 -20.63
N CYS C 88 17.60 -28.70 -20.27
CA CYS C 88 18.63 -27.91 -20.92
C CYS C 88 18.65 -28.22 -22.40
N ARG C 89 18.70 -27.17 -23.23
N ARG C 89 18.74 -27.15 -23.19
CA ARG C 89 18.73 -27.41 -24.67
CA ARG C 89 18.84 -27.23 -24.64
C ARG C 89 20.12 -27.88 -25.07
C ARG C 89 20.15 -27.89 -25.06
N LEU C 90 20.21 -28.40 -26.29
CA LEU C 90 21.47 -28.90 -26.84
C LEU C 90 21.95 -27.97 -27.96
N CYS C 91 23.23 -28.06 -28.28
CA CYS C 91 23.82 -27.27 -29.36
C CYS C 91 24.40 -28.21 -30.39
N ASP C 92 23.53 -28.67 -31.28
CA ASP C 92 23.83 -29.76 -32.20
C ASP C 92 24.82 -29.37 -33.31
N GLU C 93 25.88 -30.17 -33.44
CA GLU C 93 26.90 -29.95 -34.45
C GLU C 93 26.33 -29.98 -35.86
N GLY C 94 25.38 -30.88 -36.10
CA GLY C 94 24.76 -31.02 -37.40
C GLY C 94 23.97 -29.78 -37.79
N HIS C 95 23.77 -28.90 -36.81
CA HIS C 95 23.10 -27.63 -37.02
C HIS C 95 24.11 -26.51 -37.14
N GLY C 96 25.39 -26.86 -37.12
CA GLY C 96 26.46 -25.88 -37.17
C GLY C 96 26.59 -25.11 -35.87
N LEU C 97 26.16 -25.73 -34.78
CA LEU C 97 26.22 -25.11 -33.45
C LEU C 97 27.22 -25.81 -32.52
N GLU C 98 27.61 -25.10 -31.47
CA GLU C 98 28.36 -25.69 -30.37
C GLU C 98 27.96 -24.95 -29.11
N VAL C 99 28.32 -25.46 -27.93
CA VAL C 99 27.95 -24.80 -26.68
C VAL C 99 28.85 -23.59 -26.44
N GLU C 100 28.24 -22.47 -26.04
CA GLU C 100 28.99 -21.28 -25.69
C GLU C 100 29.06 -21.15 -24.18
N ILE C 101 27.92 -21.36 -23.54
CA ILE C 101 27.86 -21.44 -22.08
C ILE C 101 27.03 -22.65 -21.72
N ASN C 102 27.58 -23.52 -20.88
CA ASN C 102 26.89 -24.71 -20.45
C ASN C 102 25.66 -24.33 -19.63
N CYS C 103 24.65 -25.20 -19.65
CA CYS C 103 23.46 -24.98 -18.84
C CYS C 103 23.85 -24.89 -17.37
N THR C 104 23.18 -23.99 -16.65
CA THR C 104 23.32 -23.92 -15.19
C THR C 104 21.92 -24.12 -14.62
N ARG C 105 21.80 -24.40 -13.32
CA ARG C 105 20.49 -24.68 -12.73
C ARG C 105 19.49 -23.55 -13.01
N THR C 106 20.01 -22.35 -13.25
CA THR C 106 19.19 -21.15 -13.42
C THR C 106 19.25 -20.55 -14.83
N GLN C 107 19.97 -21.19 -15.75
CA GLN C 107 20.18 -20.60 -17.07
C GLN C 107 20.38 -21.67 -18.14
N ASN C 108 19.46 -21.69 -19.10
CA ASN C 108 19.50 -22.65 -20.20
C ASN C 108 20.80 -22.50 -20.99
N THR C 109 21.28 -23.60 -21.56
CA THR C 109 22.51 -23.61 -22.36
C THR C 109 22.49 -22.47 -23.37
N LYS C 110 23.65 -21.87 -23.63
CA LYS C 110 23.76 -20.87 -24.69
C LYS C 110 24.62 -21.41 -25.82
N CYS C 111 24.08 -21.38 -27.03
CA CYS C 111 24.78 -21.91 -28.20
C CYS C 111 25.48 -20.78 -28.96
N ARG C 112 26.33 -21.17 -29.89
CA ARG C 112 26.88 -20.24 -30.86
C ARG C 112 27.22 -21.02 -32.11
N CYS C 113 27.47 -20.33 -33.22
CA CYS C 113 27.91 -21.01 -34.43
C CYS C 113 29.23 -21.68 -34.14
N LYS C 114 29.53 -22.72 -34.90
CA LYS C 114 30.84 -23.33 -34.88
C LYS C 114 31.83 -22.41 -35.56
N PRO C 115 33.12 -22.66 -35.35
CA PRO C 115 34.10 -21.89 -36.13
C PRO C 115 33.76 -22.01 -37.60
N ASN C 116 33.75 -20.89 -38.32
CA ASN C 116 33.49 -20.88 -39.76
C ASN C 116 32.02 -20.96 -40.17
N PHE C 117 31.12 -20.91 -39.18
CA PHE C 117 29.70 -20.80 -39.47
C PHE C 117 29.21 -19.47 -38.94
N PHE C 118 28.04 -19.05 -39.41
CA PHE C 118 27.50 -17.74 -39.04
C PHE C 118 25.98 -17.77 -39.03
N CYS C 119 25.40 -16.79 -38.36
CA CYS C 119 23.96 -16.60 -38.39
C CYS C 119 23.60 -15.12 -38.30
N ASN C 120 22.66 -14.67 -39.13
CA ASN C 120 22.25 -13.27 -39.17
C ASN C 120 21.24 -12.94 -38.09
N SER C 121 20.12 -13.65 -38.08
CA SER C 121 19.02 -13.37 -37.17
C SER C 121 19.47 -13.34 -35.72
N THR C 122 18.62 -12.79 -34.86
CA THR C 122 18.92 -12.74 -33.43
C THR C 122 18.69 -14.12 -32.81
N VAL C 123 17.80 -14.88 -33.43
CA VAL C 123 17.56 -16.27 -33.04
C VAL C 123 18.05 -17.18 -34.17
N CYS C 124 18.73 -18.26 -33.80
CA CYS C 124 19.43 -19.07 -34.79
C CYS C 124 19.22 -20.56 -34.58
N GLU C 125 18.14 -21.11 -35.13
CA GLU C 125 17.90 -22.54 -35.03
C GLU C 125 19.09 -23.30 -35.59
N HIS C 126 19.86 -22.62 -36.45
CA HIS C 126 21.08 -23.21 -36.99
C HIS C 126 21.99 -22.17 -37.66
N CYS C 127 23.24 -22.54 -37.88
CA CYS C 127 24.20 -21.68 -38.57
C CYS C 127 24.63 -22.33 -39.88
N ASP C 128 24.96 -21.51 -40.89
CA ASP C 128 25.47 -22.04 -42.15
C ASP C 128 26.97 -21.73 -42.31
N PRO C 129 27.66 -22.50 -43.15
CA PRO C 129 29.09 -22.32 -43.35
C PRO C 129 29.41 -20.95 -43.91
N CYS C 130 30.43 -20.30 -43.36
CA CYS C 130 30.92 -19.06 -43.94
C CYS C 130 31.17 -19.32 -45.43
N THR C 131 30.76 -18.39 -46.27
CA THR C 131 30.84 -18.60 -47.72
C THR C 131 32.03 -17.87 -48.32
N CYS C 141 33.81 -12.62 -42.02
CA CYS C 141 32.85 -13.54 -41.42
C CYS C 141 33.06 -13.62 -39.91
N THR C 142 32.07 -13.18 -39.15
CA THR C 142 32.08 -13.39 -37.71
C THR C 142 31.06 -14.48 -37.41
N LEU C 143 31.14 -15.07 -36.22
CA LEU C 143 30.17 -16.09 -35.85
C LEU C 143 28.75 -15.56 -36.04
N THR C 144 28.61 -14.24 -36.10
CA THR C 144 27.30 -13.61 -36.29
C THR C 144 27.23 -12.82 -37.61
N SER C 145 28.18 -13.06 -38.51
CA SER C 145 28.21 -12.33 -39.78
C SER C 145 28.88 -13.15 -40.87
N ASN C 146 28.53 -12.86 -42.12
CA ASN C 146 28.99 -13.64 -43.26
C ASN C 146 29.98 -12.90 -44.16
N THR C 147 31.12 -13.54 -44.42
CA THR C 147 32.02 -13.09 -45.47
C THR C 147 32.36 -14.26 -46.39
#